data_8RHA
#
_entry.id   8RHA
#
_cell.length_a   57.858
_cell.length_b   57.858
_cell.length_c   167.340
_cell.angle_alpha   90.00
_cell.angle_beta   90.00
_cell.angle_gamma   90.00
#
_symmetry.space_group_name_H-M   'P 41 21 2'
#
loop_
_entity.id
_entity.type
_entity.pdbx_description
1 polymer 'Heat shock protein beta-7'
2 water water
#
_entity_poly.entity_id   1
_entity_poly.type   'polypeptide(L)'
_entity_poly.pdbx_seq_one_letter_code
;GSGNIKTLGDAYEFAVDVRDFSPEDIIVTTSNNHIEVRAEKLAADGTVMNTFAHKSQLPEDVDPTSVTSALREDGSLTIR
ARRHPHT
;
_entity_poly.pdbx_strand_id   A,B,C
#
# COMPACT_ATOMS: atom_id res chain seq x y z
N ASP A 10 -6.88 -22.82 4.21
CA ASP A 10 -5.51 -23.00 3.68
C ASP A 10 -4.81 -21.64 3.60
N ALA A 11 -3.51 -21.64 3.91
CA ALA A 11 -2.79 -20.39 4.15
C ALA A 11 -2.26 -19.83 2.83
N TYR A 12 -2.17 -18.50 2.75
CA TYR A 12 -1.52 -17.80 1.65
C TYR A 12 -0.46 -16.88 2.26
N GLU A 13 0.68 -16.76 1.57
CA GLU A 13 1.80 -16.02 2.10
C GLU A 13 2.73 -15.59 0.98
N PHE A 14 3.27 -14.38 1.09
CA PHE A 14 4.37 -13.97 0.22
C PHE A 14 5.24 -13.01 1.01
N ALA A 15 6.45 -12.79 0.48
CA ALA A 15 7.48 -12.02 1.16
C ALA A 15 7.89 -10.84 0.30
N VAL A 16 8.20 -9.71 0.92
CA VAL A 16 8.60 -8.51 0.20
C VAL A 16 9.89 -8.00 0.83
N ASP A 17 10.86 -7.67 -0.02
CA ASP A 17 12.17 -7.27 0.43
C ASP A 17 12.17 -5.78 0.76
N VAL A 18 12.04 -5.47 2.05
CA VAL A 18 12.11 -4.11 2.55
C VAL A 18 13.30 -3.97 3.50
N ARG A 19 14.40 -4.67 3.23
CA ARG A 19 15.52 -4.76 4.16
C ARG A 19 16.21 -3.41 4.43
N ASP A 20 16.06 -2.44 3.54
CA ASP A 20 16.67 -1.14 3.74
C ASP A 20 15.83 -0.24 4.63
N PHE A 21 14.71 -0.73 5.17
CA PHE A 21 13.77 0.14 5.89
C PHE A 21 13.54 -0.42 7.29
N SER A 22 13.15 0.45 8.21
CA SER A 22 12.80 0.03 9.55
C SER A 22 11.30 -0.24 9.61
N PRO A 23 10.83 -1.00 10.62
CA PRO A 23 9.40 -1.30 10.76
C PRO A 23 8.51 -0.06 10.74
N GLU A 24 8.96 1.03 11.35
CA GLU A 24 8.13 2.23 11.45
C GLU A 24 7.94 2.88 10.09
N ASP A 25 8.75 2.48 9.10
CA ASP A 25 8.73 3.11 7.79
C ASP A 25 7.71 2.44 6.87
N ILE A 26 7.16 1.29 7.31
CA ILE A 26 6.38 0.44 6.44
C ILE A 26 4.88 0.69 6.60
N ILE A 27 4.19 0.67 5.45
CA ILE A 27 2.75 0.80 5.37
C ILE A 27 2.20 -0.35 4.56
N VAL A 28 1.13 -0.98 5.07
CA VAL A 28 0.43 -1.99 4.30
C VAL A 28 -0.98 -1.49 4.03
N THR A 29 -1.37 -1.46 2.76
CA THR A 29 -2.69 -1.04 2.35
C THR A 29 -3.38 -2.16 1.60
N THR A 30 -4.66 -2.37 1.87
CA THR A 30 -5.48 -3.21 1.02
C THR A 30 -6.67 -2.40 0.53
N SER A 31 -7.00 -2.64 -0.73
CA SER A 31 -8.17 -2.11 -1.38
C SER A 31 -8.84 -3.24 -2.15
N ASN A 32 -9.96 -3.74 -1.63
CA ASN A 32 -10.53 -5.01 -2.08
C ASN A 32 -9.42 -6.05 -2.06
N ASN A 33 -9.07 -6.60 -3.22
CA ASN A 33 -8.06 -7.66 -3.28
C ASN A 33 -6.70 -7.11 -3.72
N HIS A 34 -6.58 -5.79 -3.87
CA HIS A 34 -5.29 -5.17 -4.16
C HIS A 34 -4.53 -4.94 -2.86
N ILE A 35 -3.23 -5.28 -2.87
CA ILE A 35 -2.41 -5.08 -1.71
C ILE A 35 -1.15 -4.32 -2.10
N GLU A 36 -0.77 -3.37 -1.26
CA GLU A 36 0.40 -2.54 -1.45
C GLU A 36 1.21 -2.53 -0.16
N VAL A 37 2.47 -2.93 -0.27
CA VAL A 37 3.49 -2.71 0.75
C VAL A 37 4.39 -1.58 0.30
N ARG A 38 4.46 -0.54 1.13
CA ARG A 38 5.13 0.70 0.82
C ARG A 38 6.09 1.00 1.97
N ALA A 39 7.18 1.69 1.65
CA ALA A 39 8.13 2.11 2.66
C ALA A 39 8.74 3.43 2.23
N GLU A 40 8.97 4.30 3.21
CA GLU A 40 9.52 5.61 2.99
C GLU A 40 10.46 5.96 4.13
N LYS A 41 11.55 6.64 3.79
CA LYS A 41 12.37 7.35 4.76
C LYS A 41 12.20 8.84 4.48
N LEU A 42 12.05 9.63 5.56
CA LEU A 42 11.92 11.08 5.44
C LEU A 42 13.19 11.76 5.92
N ALA A 43 13.62 12.80 5.19
CA ALA A 43 14.72 13.66 5.60
C ALA A 43 14.28 14.53 6.77
N ALA A 44 15.25 15.32 7.27
CA ALA A 44 15.01 16.29 8.34
C ALA A 44 13.88 17.24 7.95
N ASP A 45 13.87 17.69 6.69
CA ASP A 45 12.86 18.63 6.22
C ASP A 45 11.51 17.93 5.99
N GLY A 46 11.48 16.60 6.08
CA GLY A 46 10.23 15.85 6.02
C GLY A 46 9.89 15.38 4.61
N THR A 47 10.74 15.74 3.63
CA THR A 47 10.60 15.22 2.28
C THR A 47 11.12 13.78 2.23
N VAL A 48 10.79 13.08 1.14
CA VAL A 48 11.06 11.67 1.00
C VAL A 48 12.48 11.48 0.48
N MET A 49 13.33 10.79 1.26
CA MET A 49 14.68 10.48 0.81
C MET A 49 14.72 9.13 0.10
N ASN A 50 13.92 8.14 0.52
CA ASN A 50 13.98 6.81 -0.04
C ASN A 50 12.59 6.18 -0.01
N THR A 51 12.11 5.71 -1.15
CA THR A 51 10.73 5.25 -1.28
C THR A 51 10.71 3.94 -2.04
N PHE A 52 9.80 3.06 -1.64
CA PHE A 52 9.66 1.73 -2.20
C PHE A 52 8.19 1.32 -2.14
N ALA A 53 7.70 0.62 -3.16
CA ALA A 53 6.34 0.14 -3.18
C ALA A 53 6.26 -1.16 -3.99
N HIS A 54 5.46 -2.09 -3.47
CA HIS A 54 5.22 -3.39 -4.06
C HIS A 54 3.71 -3.55 -4.10
N LYS A 55 3.16 -3.62 -5.32
CA LYS A 55 1.73 -3.70 -5.53
C LYS A 55 1.44 -5.03 -6.21
N SER A 56 0.51 -5.77 -5.63
CA SER A 56 0.12 -7.07 -6.15
C SER A 56 -1.35 -7.30 -5.88
N GLN A 57 -1.88 -8.40 -6.37
CA GLN A 57 -3.27 -8.73 -6.18
C GLN A 57 -3.41 -10.09 -5.51
N LEU A 58 -4.25 -10.16 -4.48
CA LEU A 58 -4.47 -11.41 -3.76
C LEU A 58 -5.35 -12.31 -4.62
N PRO A 59 -5.15 -13.64 -4.62
CA PRO A 59 -6.08 -14.54 -5.31
C PRO A 59 -7.53 -14.31 -4.91
N GLU A 60 -8.45 -14.66 -5.82
CA GLU A 60 -9.85 -14.39 -5.61
C GLU A 60 -10.36 -15.05 -4.32
N ASP A 61 -9.80 -16.20 -3.98
CA ASP A 61 -10.30 -17.00 -2.87
C ASP A 61 -9.64 -16.61 -1.55
N VAL A 62 -8.92 -15.48 -1.49
CA VAL A 62 -8.29 -15.05 -0.25
C VAL A 62 -9.08 -13.88 0.33
N ASP A 63 -9.22 -13.84 1.66
CA ASP A 63 -10.00 -12.81 2.32
C ASP A 63 -9.13 -11.60 2.66
N PRO A 64 -9.32 -10.45 1.98
CA PRO A 64 -8.43 -9.31 2.19
C PRO A 64 -8.38 -8.79 3.63
N THR A 65 -9.49 -8.94 4.36
CA THR A 65 -9.60 -8.46 5.74
C THR A 65 -8.72 -9.33 6.66
N SER A 66 -8.34 -10.54 6.22
CA SER A 66 -7.58 -11.48 7.04
C SER A 66 -6.08 -11.26 6.92
N VAL A 67 -5.66 -10.30 6.09
CA VAL A 67 -4.26 -10.03 5.85
C VAL A 67 -3.58 -9.58 7.14
N THR A 68 -2.45 -10.22 7.46
CA THR A 68 -1.57 -9.69 8.51
C THR A 68 -0.16 -9.62 7.95
N SER A 69 0.71 -8.88 8.64
CA SER A 69 2.07 -8.72 8.15
C SER A 69 3.03 -8.92 9.32
N ALA A 70 4.25 -9.35 9.01
CA ALA A 70 5.28 -9.48 10.00
C ALA A 70 6.64 -9.18 9.37
N LEU A 71 7.55 -8.60 10.17
CA LEU A 71 8.91 -8.36 9.71
C LEU A 71 9.78 -9.54 10.10
N ARG A 72 10.34 -10.22 9.11
CA ARG A 72 11.04 -11.46 9.33
C ARG A 72 12.49 -11.14 9.66
N GLU A 73 13.19 -12.13 10.25
CA GLU A 73 14.52 -11.92 10.79
C GLU A 73 15.51 -11.52 9.70
N ASP A 74 15.21 -11.84 8.43
CA ASP A 74 16.07 -11.48 7.32
C ASP A 74 15.81 -10.04 6.86
N GLY A 75 14.85 -9.34 7.48
CA GLY A 75 14.56 -7.95 7.16
C GLY A 75 13.42 -7.76 6.14
N SER A 76 12.99 -8.85 5.49
CA SER A 76 11.85 -8.76 4.59
C SER A 76 10.54 -8.80 5.39
N LEU A 77 9.45 -8.43 4.72
CA LEU A 77 8.13 -8.37 5.29
C LEU A 77 7.27 -9.48 4.70
N THR A 78 6.55 -10.20 5.57
CA THR A 78 5.71 -11.29 5.13
C THR A 78 4.27 -10.83 5.22
N ILE A 79 3.52 -11.19 4.18
CA ILE A 79 2.08 -11.02 4.14
C ILE A 79 1.45 -12.39 4.25
N ARG A 80 0.60 -12.58 5.27
CA ARG A 80 -0.10 -13.84 5.43
C ARG A 80 -1.60 -13.57 5.47
N ALA A 81 -2.37 -14.52 4.95
CA ALA A 81 -3.80 -14.35 4.79
C ALA A 81 -4.43 -15.71 4.65
N ARG A 82 -5.74 -15.79 4.93
CA ARG A 82 -6.45 -17.04 4.82
C ARG A 82 -7.34 -17.03 3.59
N ARG A 83 -7.46 -18.20 2.98
CA ARG A 83 -8.40 -18.44 1.91
C ARG A 83 -9.78 -18.73 2.50
N HIS A 84 -10.83 -18.44 1.74
CA HIS A 84 -12.17 -18.89 2.04
C HIS A 84 -12.22 -20.40 1.73
N PRO A 85 -12.79 -21.28 2.60
CA PRO A 85 -12.92 -22.71 2.27
C PRO A 85 -14.02 -23.03 1.27
N LYS B 6 10.92 21.26 29.18
CA LYS B 6 11.33 21.08 27.76
C LYS B 6 10.24 21.62 26.84
N THR B 7 10.67 22.13 25.68
CA THR B 7 9.79 22.71 24.67
C THR B 7 8.91 21.60 24.09
N LEU B 8 7.77 22.01 23.53
CA LEU B 8 6.84 21.09 22.93
C LEU B 8 7.49 20.48 21.69
N GLY B 9 7.33 19.17 21.53
CA GLY B 9 7.90 18.46 20.40
C GLY B 9 7.15 18.77 19.12
N ASP B 10 7.79 18.47 17.99
CA ASP B 10 7.21 18.68 16.67
C ASP B 10 5.90 17.89 16.55
N ALA B 11 5.03 18.35 15.64
CA ALA B 11 3.84 17.61 15.26
C ALA B 11 4.18 16.46 14.32
N TYR B 12 3.35 15.41 14.39
CA TYR B 12 3.40 14.30 13.44
C TYR B 12 2.05 14.21 12.74
N GLU B 13 2.08 13.95 11.44
CA GLU B 13 0.88 13.99 10.64
C GLU B 13 1.06 13.16 9.38
N PHE B 14 0.01 12.46 8.98
CA PHE B 14 -0.02 11.81 7.69
C PHE B 14 -1.48 11.74 7.24
N ALA B 15 -1.64 11.47 5.95
CA ALA B 15 -2.93 11.52 5.28
C ALA B 15 -3.24 10.15 4.70
N VAL B 16 -4.52 9.79 4.72
CA VAL B 16 -4.96 8.50 4.21
C VAL B 16 -6.08 8.76 3.22
N ASP B 17 -5.98 8.12 2.06
CA ASP B 17 -6.88 8.41 0.97
C ASP B 17 -8.11 7.54 1.09
N VAL B 18 -9.18 8.07 1.71
CA VAL B 18 -10.44 7.37 1.87
C VAL B 18 -11.54 8.10 1.12
N ARG B 19 -11.19 8.77 0.02
CA ARG B 19 -12.12 9.65 -0.70
C ARG B 19 -13.29 8.90 -1.31
N ASP B 20 -13.15 7.60 -1.56
CA ASP B 20 -14.25 6.83 -2.13
C ASP B 20 -15.25 6.36 -1.08
N PHE B 21 -15.11 6.78 0.17
CA PHE B 21 -15.95 6.29 1.25
C PHE B 21 -16.65 7.46 1.93
N SER B 22 -17.80 7.18 2.54
CA SER B 22 -18.52 8.15 3.33
C SER B 22 -17.98 8.14 4.76
N PRO B 23 -18.18 9.23 5.54
CA PRO B 23 -17.70 9.30 6.92
C PRO B 23 -18.13 8.12 7.78
N GLU B 24 -19.37 7.67 7.62
CA GLU B 24 -19.89 6.60 8.44
C GLU B 24 -19.21 5.27 8.13
N ASP B 25 -18.48 5.19 7.01
CA ASP B 25 -17.86 3.94 6.59
C ASP B 25 -16.49 3.76 7.25
N ILE B 26 -15.94 4.82 7.83
CA ILE B 26 -14.54 4.86 8.20
C ILE B 26 -14.37 4.63 9.71
N ILE B 27 -13.32 3.87 10.04
CA ILE B 27 -12.98 3.49 11.40
C ILE B 27 -11.49 3.76 11.59
N VAL B 28 -11.14 4.37 12.72
CA VAL B 28 -9.74 4.57 13.07
C VAL B 28 -9.45 3.84 14.38
N THR B 29 -8.46 2.97 14.36
CA THR B 29 -8.10 2.18 15.54
C THR B 29 -6.63 2.41 15.87
N THR B 30 -6.32 2.57 17.14
CA THR B 30 -4.94 2.57 17.58
C THR B 30 -4.79 1.50 18.67
N SER B 31 -3.73 0.71 18.58
CA SER B 31 -3.28 -0.08 19.71
C SER B 31 -1.80 0.08 19.88
N ASN B 32 -1.47 0.67 21.03
CA ASN B 32 -0.12 1.12 21.33
C ASN B 32 0.30 2.01 20.18
N ASN B 33 1.35 1.63 19.45
CA ASN B 33 1.89 2.50 18.41
C ASN B 33 1.32 2.11 17.03
N HIS B 34 0.50 1.05 16.96
CA HIS B 34 -0.03 0.57 15.68
CA HIS B 34 -0.03 0.58 15.68
C HIS B 34 -1.31 1.34 15.36
N ILE B 35 -1.43 1.81 14.12
CA ILE B 35 -2.62 2.51 13.72
C ILE B 35 -3.21 1.89 12.46
N GLU B 36 -4.53 1.78 12.48
CA GLU B 36 -5.28 1.21 11.37
C GLU B 36 -6.44 2.13 11.00
N VAL B 37 -6.50 2.49 9.72
CA VAL B 37 -7.67 3.13 9.13
C VAL B 37 -8.35 2.11 8.23
N ARG B 38 -9.62 1.83 8.50
CA ARG B 38 -10.41 0.88 7.74
C ARG B 38 -11.67 1.54 7.21
N ALA B 39 -12.12 1.11 6.04
CA ALA B 39 -13.36 1.60 5.48
C ALA B 39 -14.07 0.46 4.75
N GLU B 40 -15.40 0.45 4.85
CA GLU B 40 -16.23 -0.52 4.19
C GLU B 40 -17.47 0.19 3.68
N LYS B 41 -17.77 0.08 2.39
CA LYS B 41 -18.93 0.69 1.80
C LYS B 41 -19.96 -0.40 1.53
N LEU B 42 -21.21 -0.11 1.86
CA LEU B 42 -22.27 -1.10 1.82
C LEU B 42 -23.17 -0.84 0.63
N ALA B 43 -23.57 -1.92 -0.04
CA ALA B 43 -24.56 -1.86 -1.10
C ALA B 43 -25.93 -1.61 -0.50
N ALA B 44 -26.92 -1.42 -1.40
CA ALA B 44 -28.31 -1.27 -1.00
C ALA B 44 -28.76 -2.44 -0.15
N ASP B 45 -28.34 -3.67 -0.52
CA ASP B 45 -28.71 -4.88 0.21
C ASP B 45 -27.97 -4.99 1.54
N GLY B 46 -26.98 -4.11 1.78
CA GLY B 46 -26.31 -4.04 3.07
C GLY B 46 -25.03 -4.86 3.10
N THR B 47 -24.74 -5.60 2.02
CA THR B 47 -23.49 -6.33 1.90
C THR B 47 -22.35 -5.36 1.55
N VAL B 48 -21.11 -5.84 1.65
CA VAL B 48 -19.93 -5.00 1.46
C VAL B 48 -19.61 -4.93 -0.04
N MET B 49 -19.61 -3.71 -0.60
CA MET B 49 -19.16 -3.45 -1.95
C MET B 49 -17.64 -3.26 -2.00
N ASN B 50 -17.09 -2.49 -1.05
CA ASN B 50 -15.72 -2.00 -1.14
C ASN B 50 -15.12 -1.98 0.26
N THR B 51 -13.90 -2.50 0.39
CA THR B 51 -13.19 -2.51 1.66
C THR B 51 -11.81 -1.91 1.43
N PHE B 52 -11.31 -1.28 2.49
CA PHE B 52 -10.03 -0.59 2.46
C PHE B 52 -9.41 -0.65 3.84
N ALA B 53 -8.09 -0.76 3.89
CA ALA B 53 -7.35 -0.76 5.14
C ALA B 53 -5.97 -0.15 4.90
N HIS B 54 -5.57 0.69 5.85
CA HIS B 54 -4.25 1.30 5.91
C HIS B 54 -3.70 0.94 7.29
N LYS B 55 -2.59 0.19 7.31
CA LYS B 55 -1.92 -0.19 8.54
C LYS B 55 -0.53 0.44 8.55
N SER B 56 -0.23 1.15 9.63
CA SER B 56 1.09 1.75 9.78
C SER B 56 1.45 1.77 11.26
N GLN B 57 2.67 2.22 11.54
CA GLN B 57 3.11 2.39 12.91
C GLN B 57 3.55 3.82 13.14
N LEU B 58 3.15 4.37 14.30
CA LEU B 58 3.56 5.69 14.71
C LEU B 58 5.01 5.61 15.16
N PRO B 59 5.85 6.62 14.89
CA PRO B 59 7.22 6.65 15.40
C PRO B 59 7.30 6.42 16.91
N GLU B 60 8.45 5.90 17.33
CA GLU B 60 8.68 5.55 18.73
C GLU B 60 8.38 6.72 19.66
N ASP B 61 8.67 7.95 19.21
CA ASP B 61 8.59 9.12 20.06
C ASP B 61 7.21 9.77 20.02
N VAL B 62 6.19 9.07 19.51
CA VAL B 62 4.86 9.63 19.43
C VAL B 62 3.97 9.02 20.52
N ASP B 63 3.08 9.82 21.10
CA ASP B 63 2.20 9.36 22.15
C ASP B 63 0.87 8.86 21.57
N PRO B 64 0.59 7.55 21.63
CA PRO B 64 -0.62 6.99 21.00
C PRO B 64 -1.93 7.65 21.39
N THR B 65 -2.01 8.08 22.65
CA THR B 65 -3.22 8.69 23.20
C THR B 65 -3.47 10.06 22.57
N SER B 66 -2.42 10.69 22.00
CA SER B 66 -2.49 12.03 21.43
C SER B 66 -2.98 12.01 19.98
N VAL B 67 -3.24 10.82 19.45
CA VAL B 67 -3.67 10.67 18.08
C VAL B 67 -5.04 11.29 17.90
N THR B 68 -5.20 12.12 16.87
CA THR B 68 -6.51 12.60 16.48
C THR B 68 -6.66 12.40 14.98
N SER B 69 -7.91 12.48 14.50
CA SER B 69 -8.18 12.21 13.10
C SER B 69 -9.23 13.19 12.64
N ALA B 70 -9.20 13.53 11.34
CA ALA B 70 -10.21 14.39 10.77
C ALA B 70 -10.37 14.07 9.29
N LEU B 71 -11.60 14.20 8.77
CA LEU B 71 -11.83 14.15 7.33
C LEU B 71 -11.67 15.55 6.75
N ARG B 72 -10.80 15.67 5.74
CA ARG B 72 -10.60 16.91 5.04
C ARG B 72 -11.66 17.06 3.95
N GLU B 73 -11.82 18.30 3.46
CA GLU B 73 -12.86 18.64 2.52
C GLU B 73 -12.72 17.84 1.23
N ASP B 74 -11.50 17.38 0.92
CA ASP B 74 -11.24 16.62 -0.29
C ASP B 74 -11.58 15.15 -0.09
N GLY B 75 -12.03 14.76 1.11
CA GLY B 75 -12.46 13.39 1.35
C GLY B 75 -11.38 12.53 2.03
N SER B 76 -10.12 12.98 2.03
CA SER B 76 -9.05 12.21 2.65
C SER B 76 -9.08 12.42 4.17
N LEU B 77 -8.40 11.54 4.90
CA LEU B 77 -8.41 11.56 6.35
C LEU B 77 -7.01 11.91 6.86
N THR B 78 -6.94 12.78 7.85
CA THR B 78 -5.66 13.22 8.40
C THR B 78 -5.52 12.61 9.79
N ILE B 79 -4.34 12.08 10.06
CA ILE B 79 -3.97 11.57 11.36
C ILE B 79 -2.90 12.51 11.93
N ARG B 80 -3.15 13.06 13.12
CA ARG B 80 -2.19 13.90 13.80
C ARG B 80 -1.87 13.33 15.17
N ALA B 81 -0.67 13.65 15.66
CA ALA B 81 -0.19 13.18 16.95
C ALA B 81 1.01 14.02 17.37
N ARG B 82 1.36 13.98 18.66
CA ARG B 82 2.45 14.82 19.14
C ARG B 82 3.65 13.93 19.47
N ARG B 83 4.84 14.39 19.09
CA ARG B 83 6.07 13.68 19.43
C ARG B 83 6.63 14.22 20.73
N HIS B 84 7.67 13.53 21.25
CA HIS B 84 8.41 13.97 22.41
C HIS B 84 9.37 15.10 22.05
N PRO B 85 9.81 15.90 23.05
CA PRO B 85 10.92 16.85 22.84
C PRO B 85 12.26 16.14 22.56
N ASP C 10 1.03 18.28 -14.13
CA ASP C 10 0.70 17.61 -15.42
C ASP C 10 0.99 16.10 -15.29
N ALA C 11 0.20 15.31 -16.03
CA ALA C 11 0.12 13.87 -15.81
C ALA C 11 1.23 13.15 -16.57
N TYR C 12 1.67 12.02 -16.02
CA TYR C 12 2.57 11.10 -16.68
C TYR C 12 1.89 9.73 -16.75
N GLU C 13 2.06 9.02 -17.86
CA GLU C 13 1.30 7.80 -18.08
C GLU C 13 1.97 6.95 -19.15
N PHE C 14 2.02 5.63 -18.93
CA PHE C 14 2.44 4.72 -19.97
C PHE C 14 1.73 3.38 -19.75
N ALA C 15 1.77 2.54 -20.79
CA ALA C 15 1.00 1.30 -20.84
C ALA C 15 1.96 0.14 -21.02
N VAL C 16 1.63 -1.01 -20.41
CA VAL C 16 2.48 -2.18 -20.46
C VAL C 16 1.63 -3.38 -20.83
N ASP C 17 2.13 -4.19 -21.76
CA ASP C 17 1.37 -5.28 -22.31
C ASP C 17 1.56 -6.52 -21.46
N VAL C 18 0.62 -6.77 -20.53
CA VAL C 18 0.62 -7.97 -19.70
C VAL C 18 -0.61 -8.84 -20.00
N ARG C 19 -1.09 -8.79 -21.24
CA ARG C 19 -2.38 -9.40 -21.59
C ARG C 19 -2.38 -10.92 -21.45
N ASP C 20 -1.22 -11.57 -21.45
CA ASP C 20 -1.19 -13.02 -21.30
C ASP C 20 -1.27 -13.48 -19.85
N PHE C 21 -1.40 -12.54 -18.91
CA PHE C 21 -1.25 -12.88 -17.50
C PHE C 21 -2.50 -12.49 -16.75
N SER C 22 -2.79 -13.27 -15.69
CA SER C 22 -3.91 -12.97 -14.84
C SER C 22 -3.47 -11.98 -13.76
N PRO C 23 -4.42 -11.24 -13.14
CA PRO C 23 -4.05 -10.19 -12.20
C PRO C 23 -3.13 -10.67 -11.08
N GLU C 24 -3.38 -11.87 -10.56
CA GLU C 24 -2.59 -12.35 -9.44
C GLU C 24 -1.17 -12.70 -9.86
N ASP C 25 -0.89 -12.74 -11.17
CA ASP C 25 0.45 -13.05 -11.65
C ASP C 25 1.34 -11.81 -11.73
N ILE C 26 0.74 -10.62 -11.63
CA ILE C 26 1.41 -9.37 -11.99
C ILE C 26 1.80 -8.62 -10.72
N ILE C 27 3.02 -8.08 -10.70
CA ILE C 27 3.55 -7.31 -9.59
C ILE C 27 4.13 -6.02 -10.14
N VAL C 28 3.80 -4.90 -9.49
CA VAL C 28 4.39 -3.62 -9.82
C VAL C 28 5.19 -3.12 -8.62
N THR C 29 6.48 -2.83 -8.87
CA THR C 29 7.32 -2.27 -7.84
C THR C 29 7.86 -0.91 -8.31
N THR C 30 7.90 0.01 -7.37
CA THR C 30 8.62 1.26 -7.58
C THR C 30 9.66 1.37 -6.49
N SER C 31 10.84 1.79 -6.90
CA SER C 31 11.97 1.97 -6.02
C SER C 31 12.66 3.28 -6.45
N ASN C 32 12.43 4.33 -5.66
CA ASN C 32 12.70 5.69 -6.06
C ASN C 32 12.12 5.91 -7.44
N ASN C 33 12.97 6.18 -8.43
CA ASN C 33 12.47 6.52 -9.76
C ASN C 33 12.40 5.28 -10.65
N HIS C 34 12.85 4.10 -10.18
CA HIS C 34 12.80 2.88 -10.97
C HIS C 34 11.43 2.22 -10.86
N ILE C 35 10.87 1.80 -12.00
CA ILE C 35 9.61 1.09 -12.03
C ILE C 35 9.81 -0.24 -12.74
N GLU C 36 9.24 -1.27 -12.13
CA GLU C 36 9.33 -2.62 -12.63
C GLU C 36 7.96 -3.24 -12.61
N VAL C 37 7.54 -3.74 -13.77
CA VAL C 37 6.37 -4.59 -13.89
C VAL C 37 6.87 -6.00 -14.22
N ARG C 38 6.51 -6.97 -13.38
CA ARG C 38 6.89 -8.36 -13.60
C ARG C 38 5.64 -9.23 -13.56
N ALA C 39 5.64 -10.28 -14.41
CA ALA C 39 4.55 -11.24 -14.43
C ALA C 39 5.12 -12.63 -14.64
N GLU C 40 4.53 -13.60 -13.94
CA GLU C 40 4.98 -14.98 -13.98
C GLU C 40 3.74 -15.86 -13.96
N LYS C 41 3.62 -16.73 -14.97
CA LYS C 41 2.52 -17.68 -15.02
C LYS C 41 3.11 -19.07 -14.75
N LEU C 42 2.46 -19.78 -13.83
CA LEU C 42 2.88 -21.10 -13.43
C LEU C 42 1.84 -22.09 -13.93
N ALA C 43 2.31 -23.31 -14.30
CA ALA C 43 1.43 -24.44 -14.54
C ALA C 43 0.82 -24.91 -13.22
N ALA C 44 -0.17 -25.82 -13.30
CA ALA C 44 -0.70 -26.45 -12.09
C ALA C 44 0.41 -27.14 -11.30
N ASP C 45 1.35 -27.77 -12.04
CA ASP C 45 2.53 -28.43 -11.49
C ASP C 45 3.53 -27.43 -10.89
N GLY C 46 3.35 -26.14 -11.17
CA GLY C 46 4.06 -25.09 -10.46
C GLY C 46 5.29 -24.61 -11.24
N THR C 47 5.60 -25.24 -12.38
CA THR C 47 6.70 -24.76 -13.20
C THR C 47 6.28 -23.52 -13.98
N VAL C 48 7.29 -22.80 -14.49
CA VAL C 48 7.13 -21.48 -15.09
C VAL C 48 6.76 -21.66 -16.56
N MET C 49 5.57 -21.20 -16.96
CA MET C 49 5.13 -21.28 -18.34
C MET C 49 5.56 -20.05 -19.13
N ASN C 50 5.41 -18.87 -18.52
CA ASN C 50 5.73 -17.61 -19.16
C ASN C 50 6.22 -16.64 -18.08
N THR C 51 7.25 -15.86 -18.42
CA THR C 51 7.68 -14.74 -17.59
C THR C 51 7.76 -13.48 -18.43
N PHE C 52 7.57 -12.34 -17.77
CA PHE C 52 7.60 -11.05 -18.40
C PHE C 52 8.15 -10.02 -17.42
N ALA C 53 8.92 -9.05 -17.91
CA ALA C 53 9.43 -7.96 -17.10
C ALA C 53 9.55 -6.70 -17.97
N HIS C 54 9.17 -5.58 -17.38
CA HIS C 54 9.25 -4.25 -17.99
C HIS C 54 9.94 -3.36 -16.97
N LYS C 55 11.13 -2.83 -17.33
CA LYS C 55 11.89 -1.95 -16.46
C LYS C 55 11.98 -0.60 -17.13
N SER C 56 11.64 0.46 -16.40
CA SER C 56 11.80 1.80 -16.90
C SER C 56 12.10 2.74 -15.74
N GLN C 57 12.37 4.00 -16.07
CA GLN C 57 12.75 4.99 -15.07
C GLN C 57 11.84 6.21 -15.25
N LEU C 58 11.34 6.76 -14.14
CA LEU C 58 10.44 7.90 -14.18
C LEU C 58 11.26 9.16 -14.45
N PRO C 59 10.73 10.13 -15.22
CA PRO C 59 11.40 11.43 -15.37
C PRO C 59 11.74 12.08 -14.04
N GLU C 60 12.78 12.92 -14.04
CA GLU C 60 13.27 13.55 -12.83
C GLU C 60 12.16 14.36 -12.15
N ASP C 61 11.24 14.94 -12.94
CA ASP C 61 10.23 15.83 -12.39
C ASP C 61 8.96 15.09 -12.01
N VAL C 62 9.01 13.77 -11.93
CA VAL C 62 7.85 12.98 -11.55
C VAL C 62 8.02 12.47 -10.12
N ASP C 63 6.92 12.44 -9.37
CA ASP C 63 6.99 12.09 -7.96
C ASP C 63 6.80 10.57 -7.77
N PRO C 64 7.84 9.83 -7.35
CA PRO C 64 7.74 8.37 -7.26
C PRO C 64 6.63 7.87 -6.34
N THR C 65 6.36 8.64 -5.28
CA THR C 65 5.35 8.28 -4.29
C THR C 65 3.95 8.34 -4.89
N SER C 66 3.78 9.07 -6.00
CA SER C 66 2.48 9.32 -6.62
C SER C 66 2.09 8.22 -7.60
N VAL C 67 2.97 7.23 -7.81
CA VAL C 67 2.77 6.26 -8.88
C VAL C 67 1.56 5.38 -8.57
N THR C 68 0.64 5.21 -9.52
CA THR C 68 -0.42 4.22 -9.38
C THR C 68 -0.45 3.33 -10.61
N SER C 69 -1.15 2.21 -10.52
CA SER C 69 -1.16 1.21 -11.59
C SER C 69 -2.56 0.63 -11.66
N ALA C 70 -2.99 0.19 -12.85
CA ALA C 70 -4.34 -0.32 -13.05
C ALA C 70 -4.39 -1.20 -14.29
N LEU C 71 -5.16 -2.29 -14.21
CA LEU C 71 -5.35 -3.21 -15.31
C LEU C 71 -6.56 -2.78 -16.13
N ARG C 72 -6.36 -2.57 -17.42
CA ARG C 72 -7.45 -2.16 -18.30
C ARG C 72 -8.17 -3.42 -18.80
N GLU C 73 -9.38 -3.22 -19.34
CA GLU C 73 -10.25 -4.32 -19.73
C GLU C 73 -9.62 -5.14 -20.86
N ASP C 74 -8.70 -4.53 -21.62
CA ASP C 74 -8.03 -5.20 -22.72
C ASP C 74 -6.85 -6.05 -22.21
N GLY C 75 -6.60 -6.02 -20.90
CA GLY C 75 -5.57 -6.85 -20.29
C GLY C 75 -4.25 -6.12 -20.06
N SER C 76 -4.06 -4.96 -20.70
CA SER C 76 -2.85 -4.19 -20.51
C SER C 76 -2.90 -3.44 -19.18
N LEU C 77 -1.73 -2.97 -18.74
CA LEU C 77 -1.59 -2.30 -17.46
C LEU C 77 -1.18 -0.85 -17.68
N THR C 78 -1.81 0.07 -16.97
CA THR C 78 -1.49 1.48 -17.11
C THR C 78 -0.78 1.93 -15.85
N ILE C 79 0.29 2.69 -16.04
CA ILE C 79 1.03 3.32 -14.98
C ILE C 79 0.78 4.83 -15.06
N ARG C 80 0.30 5.43 -13.97
CA ARG C 80 0.14 6.88 -13.90
C ARG C 80 0.95 7.45 -12.75
N ALA C 81 1.30 8.72 -12.90
CA ALA C 81 2.02 9.45 -11.87
C ALA C 81 1.83 10.94 -12.12
N ARG C 82 2.12 11.75 -11.11
CA ARG C 82 2.03 13.19 -11.25
C ARG C 82 3.44 13.76 -11.27
N ARG C 83 3.63 14.88 -11.98
CA ARG C 83 4.86 15.64 -11.92
C ARG C 83 4.88 16.45 -10.62
N HIS C 84 6.04 16.44 -9.94
CA HIS C 84 6.25 17.21 -8.72
C HIS C 84 5.76 18.63 -8.96
#